data_7JUK
#
_entry.id   7JUK
#
_cell.length_a   113.444
_cell.length_b   113.444
_cell.length_c   57.005
_cell.angle_alpha   90.000
_cell.angle_beta   90.000
_cell.angle_gamma   90.000
#
_symmetry.space_group_name_H-M   'I 4'
#
loop_
_entity.id
_entity.type
_entity.pdbx_description
1 polymer 'Phosphatidylinositol 3,4,5-trisphosphate 3-phosphatase and dual-specificity protein phosphatase PTEN'
2 non-polymer 'PHOSPHATE ION'
3 water water
#
_entity_poly.entity_id   1
_entity_poly.type   'polypeptide(L)'
_entity_poly.pdbx_seq_one_letter_code
;MEIVSRNKRRYQEDGFDLDLTYIYPNIIAMGFPAERLEGVYRNNIDDVVRFLDSKHKNHYKIYNLCAERHYDTAKFNCRV
AQYPFEDHNPPQLELIKPFCEDLDQWLSEDDNHVAAIHCKAGKGRTGVMICAYLLHRGKFLKAQEALDFYGEVRTRDKKG
VTIPSQRRYVYYYSYLLKNHLDYRPVALLFHKMMFETIPMFSGGTCNPQFVVCQLKVKIYSSNSGPTRREDKFMYFEFPQ
PLPVCGDIKVEFFHKQNKMLKKDKMFHFWVNTFFIPGPEEDNDKEYLVLTLTKNDLDKANKDKANRYFSPNFKVKLYFTK
TVEETGGGSGGTGGCRYSDTTDSDPENEG
;
_entity_poly.pdbx_strand_id   A
#
loop_
_chem_comp.id
_chem_comp.type
_chem_comp.name
_chem_comp.formula
PO4 non-polymer 'PHOSPHATE ION' 'O4 P -3'
#
# COMPACT_ATOMS: atom_id res chain seq x y z
N GLU A 2 8.73 -23.36 2.49
CA GLU A 2 7.84 -22.37 3.11
C GLU A 2 8.34 -20.95 2.80
N ILE A 3 8.51 -20.16 3.85
CA ILE A 3 8.76 -18.70 3.78
C ILE A 3 10.05 -18.53 2.96
N VAL A 4 10.80 -19.62 2.80
CA VAL A 4 11.88 -19.79 1.77
C VAL A 4 11.35 -19.47 0.37
N SER A 5 10.27 -20.14 -0.05
CA SER A 5 9.68 -19.93 -1.41
C SER A 5 9.32 -18.45 -1.57
N ARG A 6 8.73 -17.86 -0.53
CA ARG A 6 8.32 -16.43 -0.54
C ARG A 6 9.50 -15.56 -1.01
N ASN A 7 10.68 -15.76 -0.43
CA ASN A 7 11.88 -14.97 -0.81
C ASN A 7 12.61 -15.60 -2.01
N LYS A 8 12.04 -16.69 -2.56
CA LYS A 8 12.64 -17.33 -3.75
C LYS A 8 11.91 -16.84 -5.01
N ARG A 9 10.99 -15.89 -4.84
CA ARG A 9 10.25 -15.33 -6.01
C ARG A 9 10.92 -14.00 -6.40
N ARG A 10 12.06 -13.68 -5.81
CA ARG A 10 12.72 -12.39 -6.10
C ARG A 10 14.23 -12.60 -6.33
N TYR A 11 14.96 -11.49 -6.49
CA TYR A 11 16.44 -11.55 -6.71
C TYR A 11 17.16 -11.65 -5.36
N GLN A 12 18.49 -11.78 -5.38
CA GLN A 12 19.27 -11.83 -4.11
C GLN A 12 20.70 -11.28 -4.33
N GLU A 13 21.70 -11.90 -3.73
CA GLU A 13 23.11 -11.41 -3.84
C GLU A 13 24.02 -12.54 -4.34
N ASP A 14 25.20 -12.17 -4.87
CA ASP A 14 26.19 -13.15 -5.41
C ASP A 14 27.32 -13.33 -4.39
N GLY A 15 27.98 -12.23 -3.99
CA GLY A 15 29.06 -12.28 -2.98
C GLY A 15 28.63 -13.09 -1.77
N PHE A 16 27.47 -12.72 -1.21
CA PHE A 16 26.85 -13.44 -0.06
C PHE A 16 25.47 -13.93 -0.51
N ASP A 17 24.61 -14.26 0.45
CA ASP A 17 23.23 -14.70 0.14
C ASP A 17 22.27 -13.86 1.00
N LEU A 18 21.83 -12.72 0.48
CA LEU A 18 20.93 -11.80 1.24
C LEU A 18 19.81 -11.30 0.32
N ASP A 19 18.63 -11.12 0.90
CA ASP A 19 17.43 -10.63 0.16
C ASP A 19 17.55 -9.11 -0.03
N LEU A 20 18.37 -8.66 -0.97
CA LEU A 20 18.56 -7.20 -1.22
C LEU A 20 18.96 -7.03 -2.68
N THR A 21 18.40 -6.05 -3.38
CA THR A 21 18.76 -5.83 -4.80
C THR A 21 18.99 -4.35 -5.08
N TYR A 22 19.72 -4.05 -6.15
CA TYR A 22 19.95 -2.65 -6.60
C TYR A 22 18.96 -2.33 -7.72
N ILE A 23 18.04 -1.42 -7.44
CA ILE A 23 17.09 -0.94 -8.49
C ILE A 23 17.98 -0.07 -9.38
N TYR A 24 18.77 0.76 -8.71
CA TYR A 24 19.80 1.63 -9.32
C TYR A 24 21.09 1.42 -8.51
N PRO A 25 22.25 1.96 -8.92
CA PRO A 25 23.49 1.76 -8.18
C PRO A 25 23.51 2.44 -6.80
N ASN A 26 22.68 3.47 -6.60
CA ASN A 26 22.66 4.23 -5.32
C ASN A 26 21.39 3.90 -4.52
N ILE A 27 20.60 2.91 -4.96
CA ILE A 27 19.34 2.57 -4.24
C ILE A 27 19.25 1.05 -4.07
N ILE A 28 19.18 0.58 -2.82
CA ILE A 28 19.12 -0.89 -2.56
C ILE A 28 17.82 -1.21 -1.81
N ALA A 29 16.97 -2.04 -2.41
CA ALA A 29 15.71 -2.48 -1.76
C ALA A 29 15.99 -3.82 -1.10
N MET A 30 15.59 -4.01 0.15
CA MET A 30 15.89 -5.28 0.84
C MET A 30 14.81 -5.59 1.87
N GLY A 31 14.80 -6.82 2.38
CA GLY A 31 13.96 -7.23 3.51
C GLY A 31 14.53 -6.76 4.84
N PHE A 32 13.84 -7.09 5.94
CA PHE A 32 14.16 -6.70 7.34
C PHE A 32 15.49 -7.29 7.77
N PRO A 33 16.49 -6.44 8.39
CA PRO A 33 18.03 -6.55 9.09
C PRO A 33 17.70 -7.16 10.46
N ALA A 34 16.99 -8.29 10.44
CA ALA A 34 16.52 -8.98 11.66
C ALA A 34 17.70 -9.30 12.60
N GLU A 35 17.53 -8.98 13.88
CA GLU A 35 18.53 -9.30 14.93
C GLU A 35 18.37 -10.80 15.22
N ARG A 36 17.18 -11.19 15.68
CA ARG A 36 16.83 -12.61 15.92
C ARG A 36 15.78 -12.95 14.86
N LEU A 37 16.17 -13.72 13.84
CA LEU A 37 15.25 -14.02 12.71
C LEU A 37 14.14 -15.00 13.11
N GLU A 38 13.05 -14.99 12.36
CA GLU A 38 11.88 -15.87 12.62
C GLU A 38 10.94 -15.86 11.40
N GLY A 39 10.46 -17.04 11.00
CA GLY A 39 9.52 -17.17 9.87
C GLY A 39 9.94 -16.39 8.65
N VAL A 40 9.33 -15.22 8.44
CA VAL A 40 9.62 -14.38 7.22
C VAL A 40 10.91 -13.57 7.38
N TYR A 41 11.29 -13.23 8.61
CA TYR A 41 12.54 -12.44 8.81
C TYR A 41 13.73 -13.38 8.60
N ARG A 42 14.55 -13.11 7.58
CA ARG A 42 15.68 -14.03 7.25
C ARG A 42 17.02 -13.28 7.26
N ASN A 43 17.13 -12.18 6.52
CA ASN A 43 18.40 -11.41 6.39
C ASN A 43 19.02 -11.14 7.77
N ASN A 44 20.22 -11.67 8.00
CA ASN A 44 20.95 -11.46 9.28
C ASN A 44 21.49 -10.03 9.31
N ILE A 45 21.15 -9.27 10.35
CA ILE A 45 21.61 -7.86 10.48
C ILE A 45 23.13 -7.80 10.32
N ASP A 46 23.85 -8.77 10.90
CA ASP A 46 25.34 -8.74 10.83
C ASP A 46 25.81 -8.79 9.38
N ASP A 47 25.40 -9.82 8.64
CA ASP A 47 25.81 -9.97 7.21
C ASP A 47 25.44 -8.68 6.47
N VAL A 48 24.20 -8.21 6.63
CA VAL A 48 23.75 -6.92 6.01
C VAL A 48 24.78 -5.85 6.41
N VAL A 49 25.03 -5.70 7.71
CA VAL A 49 26.01 -4.70 8.20
C VAL A 49 27.35 -4.94 7.49
N ARG A 50 27.84 -6.18 7.50
CA ARG A 50 29.12 -6.52 6.83
C ARG A 50 29.06 -6.04 5.38
N PHE A 51 28.04 -6.47 4.65
CA PHE A 51 27.86 -6.11 3.23
C PHE A 51 28.00 -4.60 3.03
N LEU A 52 27.26 -3.82 3.83
CA LEU A 52 27.26 -2.33 3.71
C LEU A 52 28.64 -1.76 3.98
N ASP A 53 29.31 -2.23 5.04
CA ASP A 53 30.67 -1.73 5.39
C ASP A 53 31.64 -2.04 4.24
N SER A 54 31.67 -3.30 3.79
CA SER A 54 32.60 -3.84 2.77
C SER A 54 32.44 -3.11 1.43
N LYS A 55 31.19 -2.90 0.97
CA LYS A 55 30.88 -2.34 -0.38
C LYS A 55 30.77 -0.81 -0.31
N HIS A 56 30.29 -0.27 0.82
CA HIS A 56 30.13 1.20 1.03
C HIS A 56 30.68 1.58 2.41
N LYS A 57 31.87 2.19 2.45
CA LYS A 57 32.59 2.56 3.70
C LYS A 57 31.64 3.31 4.65
N ASN A 58 31.39 4.58 4.34
CA ASN A 58 30.54 5.50 5.13
C ASN A 58 29.68 6.29 4.13
N HIS A 59 28.93 5.57 3.29
CA HIS A 59 28.09 6.18 2.23
C HIS A 59 26.71 5.51 2.18
N TYR A 60 26.32 4.81 3.25
CA TYR A 60 25.00 4.12 3.23
C TYR A 60 24.12 4.65 4.36
N LYS A 61 22.84 4.90 4.03
CA LYS A 61 21.82 5.37 5.00
C LYS A 61 20.65 4.39 4.95
N ILE A 62 20.11 4.01 6.12
CA ILE A 62 19.00 3.02 6.14
C ILE A 62 17.66 3.73 6.33
N TYR A 63 16.62 3.19 5.69
CA TYR A 63 15.23 3.71 5.80
C TYR A 63 14.34 2.55 6.23
N ASN A 64 13.84 2.59 7.46
CA ASN A 64 13.03 1.51 8.08
C ASN A 64 11.55 1.90 7.95
N LEU A 65 10.78 1.13 7.18
CA LEU A 65 9.35 1.44 6.96
C LEU A 65 8.47 0.50 7.79
N CYS A 66 9.06 -0.21 8.74
CA CYS A 66 8.27 -1.16 9.56
C CYS A 66 7.73 -0.49 10.83
N ALA A 67 6.47 -0.75 11.13
CA ALA A 67 5.85 -0.27 12.39
C ALA A 67 5.66 -1.47 13.33
N GLU A 68 5.88 -2.68 12.80
CA GLU A 68 5.70 -3.96 13.53
C GLU A 68 6.91 -4.25 14.41
N ARG A 69 8.12 -4.17 13.85
CA ARG A 69 9.32 -4.49 14.66
C ARG A 69 10.37 -3.39 14.59
N HIS A 70 11.35 -3.46 15.49
CA HIS A 70 12.47 -2.48 15.56
C HIS A 70 13.71 -3.19 16.12
N TYR A 71 14.89 -2.68 15.80
CA TYR A 71 16.19 -3.28 16.22
C TYR A 71 17.12 -2.12 16.57
N ASP A 72 18.20 -2.36 17.33
CA ASP A 72 19.11 -1.27 17.74
C ASP A 72 19.92 -0.81 16.52
N THR A 73 19.63 0.42 16.08
CA THR A 73 20.17 1.10 14.87
C THR A 73 21.64 1.47 15.07
N ALA A 74 22.14 1.40 16.31
CA ALA A 74 23.57 1.56 16.68
C ALA A 74 24.44 0.62 15.82
N LYS A 75 23.96 -0.61 15.61
CA LYS A 75 24.61 -1.70 14.84
C LYS A 75 25.09 -1.18 13.47
N PHE A 76 24.32 -0.28 12.85
CA PHE A 76 24.64 0.35 11.54
C PHE A 76 25.40 1.65 11.79
N ASN A 77 26.69 1.70 11.44
CA ASN A 77 27.49 2.93 11.70
C ASN A 77 27.04 4.06 10.78
N CYS A 78 25.76 4.47 10.91
CA CYS A 78 25.18 5.58 10.12
C CYS A 78 23.80 5.94 10.68
N ARG A 79 23.13 6.92 10.08
CA ARG A 79 21.79 7.36 10.52
C ARG A 79 20.73 6.42 9.92
N VAL A 80 19.73 6.05 10.72
CA VAL A 80 18.62 5.19 10.23
C VAL A 80 17.35 6.03 10.24
N ALA A 81 16.83 6.37 9.05
CA ALA A 81 15.62 7.20 8.95
C ALA A 81 14.38 6.34 9.20
N GLN A 82 13.48 6.82 10.05
CA GLN A 82 12.23 6.09 10.35
C GLN A 82 11.09 6.69 9.52
N TYR A 83 10.32 5.82 8.86
CA TYR A 83 9.14 6.18 8.02
C TYR A 83 8.15 5.00 8.07
N PRO A 84 7.77 4.48 9.37
CA PRO A 84 6.83 3.27 10.09
C PRO A 84 5.40 3.25 9.54
N PHE A 85 5.07 2.25 8.73
CA PHE A 85 3.67 2.12 8.25
C PHE A 85 3.28 0.63 8.24
N GLU A 86 1.98 0.36 8.29
CA GLU A 86 1.43 -1.02 8.41
C GLU A 86 1.72 -1.90 7.21
N ASP A 87 1.68 -3.21 7.43
CA ASP A 87 1.93 -4.22 6.37
C ASP A 87 0.69 -4.32 5.49
N HIS A 88 0.89 -4.50 4.18
CA HIS A 88 -0.19 -4.60 3.16
C HIS A 88 -1.02 -3.32 3.11
N ASN A 89 -0.54 -2.24 3.70
CA ASN A 89 -1.28 -0.95 3.67
C ASN A 89 -0.52 0.05 2.83
N PRO A 90 -1.15 1.24 2.30
CA PRO A 90 -0.73 2.61 1.45
C PRO A 90 -0.30 3.49 2.62
N PRO A 91 0.87 4.16 2.58
CA PRO A 91 1.29 5.01 3.68
C PRO A 91 0.52 6.34 3.57
N GLN A 92 0.37 7.08 4.66
CA GLN A 92 -0.35 8.38 4.63
C GLN A 92 0.22 9.27 3.53
N LEU A 93 -0.65 9.88 2.72
CA LEU A 93 -0.24 10.74 1.57
C LEU A 93 0.85 11.75 1.95
N GLU A 94 0.76 12.41 3.11
CA GLU A 94 1.76 13.40 3.58
C GLU A 94 3.08 12.76 4.02
N LEU A 95 3.18 11.42 4.14
CA LEU A 95 4.46 10.76 4.53
C LEU A 95 5.29 10.53 3.27
N ILE A 96 4.63 10.42 2.12
CA ILE A 96 5.31 10.14 0.82
C ILE A 96 6.29 11.26 0.46
N LYS A 97 5.78 12.48 0.23
CA LYS A 97 6.63 13.62 -0.22
C LYS A 97 7.89 13.76 0.63
N PRO A 98 7.77 14.14 1.91
CA PRO A 98 8.91 14.31 2.82
C PRO A 98 9.95 13.19 2.69
N PHE A 99 9.49 11.94 2.65
CA PHE A 99 10.42 10.79 2.48
C PHE A 99 11.25 11.02 1.23
N CYS A 100 10.58 11.16 0.10
CA CYS A 100 11.18 11.39 -1.23
C CYS A 100 12.17 12.55 -1.11
N GLU A 101 11.72 13.68 -0.54
CA GLU A 101 12.56 14.89 -0.29
C GLU A 101 13.77 14.50 0.56
N ASP A 102 13.59 13.78 1.66
CA ASP A 102 14.69 13.36 2.56
C ASP A 102 15.70 12.53 1.77
N LEU A 103 15.24 11.48 1.10
CA LEU A 103 16.13 10.57 0.34
C LEU A 103 16.91 11.37 -0.71
N ASP A 104 16.24 12.28 -1.41
CA ASP A 104 16.90 13.07 -2.47
C ASP A 104 18.14 13.78 -1.89
N GLN A 105 17.93 14.66 -0.90
CA GLN A 105 19.01 15.44 -0.23
C GLN A 105 20.21 14.54 0.05
N TRP A 106 19.97 13.37 0.64
CA TRP A 106 21.05 12.40 0.96
C TRP A 106 21.85 12.06 -0.29
N LEU A 107 21.18 11.54 -1.33
CA LEU A 107 21.89 11.11 -2.56
C LEU A 107 22.48 12.32 -3.30
N SER A 108 21.64 13.29 -3.67
CA SER A 108 22.10 14.48 -4.43
C SER A 108 23.26 15.18 -3.73
N GLU A 109 23.59 14.77 -2.50
CA GLU A 109 24.67 15.45 -1.74
C GLU A 109 26.03 14.93 -2.25
N ASP A 110 26.34 13.65 -1.99
CA ASP A 110 27.61 12.99 -2.39
C ASP A 110 27.34 12.06 -3.57
N ASP A 111 28.24 12.08 -4.57
CA ASP A 111 28.14 11.32 -5.84
C ASP A 111 27.89 9.83 -5.55
N ASN A 112 28.64 9.25 -4.60
CA ASN A 112 28.53 7.80 -4.31
C ASN A 112 27.87 7.54 -2.96
N HIS A 113 26.71 8.15 -2.73
CA HIS A 113 25.95 7.90 -1.48
C HIS A 113 24.93 6.80 -1.81
N VAL A 114 24.72 5.85 -0.91
CA VAL A 114 23.76 4.74 -1.20
C VAL A 114 22.72 4.65 -0.09
N ALA A 115 21.45 4.55 -0.47
CA ALA A 115 20.34 4.42 0.50
C ALA A 115 19.79 3.00 0.44
N ALA A 116 19.64 2.35 1.60
CA ALA A 116 19.09 0.99 1.66
C ALA A 116 17.70 1.05 2.28
N ILE A 117 16.66 0.86 1.46
CA ILE A 117 15.25 0.90 1.94
C ILE A 117 14.81 -0.54 2.23
N HIS A 118 14.14 -0.76 3.35
CA HIS A 118 13.60 -2.08 3.70
C HIS A 118 12.25 -1.94 4.40
N CYS A 119 11.42 -2.96 4.21
CA CYS A 119 10.12 -3.12 4.90
C CYS A 119 10.20 -4.49 5.57
N LYS A 120 9.15 -5.32 5.46
CA LYS A 120 9.20 -6.66 6.10
C LYS A 120 9.86 -7.64 5.13
N ALA A 121 9.51 -7.54 3.85
CA ALA A 121 10.08 -8.44 2.82
C ALA A 121 10.73 -7.61 1.73
N GLY A 122 10.80 -6.28 1.93
CA GLY A 122 11.41 -5.40 0.91
C GLY A 122 10.78 -5.63 -0.43
N LYS A 123 9.44 -5.62 -0.49
CA LYS A 123 8.71 -5.86 -1.76
C LYS A 123 7.77 -4.68 -2.03
N GLY A 124 6.51 -4.81 -1.55
CA GLY A 124 5.44 -3.83 -1.77
C GLY A 124 5.70 -2.46 -1.15
N ARG A 125 5.75 -2.39 0.18
CA ARG A 125 5.97 -1.08 0.86
C ARG A 125 7.21 -0.40 0.29
N THR A 126 8.33 -1.13 0.22
CA THR A 126 9.57 -0.55 -0.36
C THR A 126 9.24 -0.07 -1.78
N GLY A 127 8.60 -0.93 -2.57
CA GLY A 127 8.14 -0.61 -3.93
C GLY A 127 7.48 0.75 -3.96
N VAL A 128 6.41 0.90 -3.20
CA VAL A 128 5.58 2.15 -3.16
C VAL A 128 6.54 3.32 -2.97
N MET A 129 7.23 3.38 -1.83
CA MET A 129 8.05 4.55 -1.41
C MET A 129 9.12 4.83 -2.48
N ILE A 130 9.78 3.77 -2.95
CA ILE A 130 10.85 3.85 -3.98
C ILE A 130 10.25 4.44 -5.25
N CYS A 131 9.21 3.81 -5.78
CA CYS A 131 8.57 4.21 -7.04
C CYS A 131 8.16 5.68 -6.98
N ALA A 132 7.64 6.10 -5.82
CA ALA A 132 7.25 7.51 -5.63
C ALA A 132 8.51 8.37 -5.77
N TYR A 133 9.61 7.93 -5.16
CA TYR A 133 10.88 8.69 -5.25
C TYR A 133 11.30 8.80 -6.71
N LEU A 134 11.21 7.68 -7.46
CA LEU A 134 11.56 7.67 -8.90
C LEU A 134 10.81 8.80 -9.58
N LEU A 135 9.49 8.86 -9.39
CA LEU A 135 8.68 9.95 -9.99
C LEU A 135 9.21 11.28 -9.44
N HIS A 136 9.38 11.37 -8.12
CA HIS A 136 9.89 12.61 -7.48
C HIS A 136 11.18 13.07 -8.16
N ARG A 137 12.21 12.21 -8.13
CA ARG A 137 13.50 12.57 -8.77
C ARG A 137 13.24 12.96 -10.23
N GLY A 138 12.52 12.11 -10.97
CA GLY A 138 12.23 12.44 -12.37
C GLY A 138 12.65 11.31 -13.30
N LYS A 139 13.08 10.19 -12.73
CA LYS A 139 13.48 9.02 -13.55
C LYS A 139 12.32 8.67 -14.47
N PHE A 140 11.13 8.48 -13.88
CA PHE A 140 9.89 8.17 -14.63
C PHE A 140 8.86 9.28 -14.40
N LEU A 141 7.74 9.25 -15.11
CA LEU A 141 6.72 10.31 -14.91
C LEU A 141 5.33 9.81 -15.33
N LYS A 142 5.16 8.51 -15.53
CA LYS A 142 3.82 7.98 -15.92
C LYS A 142 3.37 6.97 -14.86
N ALA A 143 4.07 6.93 -13.72
CA ALA A 143 3.76 6.01 -12.60
C ALA A 143 3.82 4.53 -12.99
N GLN A 144 2.98 4.08 -13.93
CA GLN A 144 2.99 2.66 -14.38
C GLN A 144 4.41 2.23 -14.75
N GLU A 145 5.12 3.04 -15.55
CA GLU A 145 6.52 2.73 -15.94
C GLU A 145 7.32 2.39 -14.67
N ALA A 146 7.28 3.28 -13.69
CA ALA A 146 8.00 3.08 -12.42
C ALA A 146 7.56 1.76 -11.79
N LEU A 147 6.25 1.59 -11.59
CA LEU A 147 5.70 0.36 -10.97
C LEU A 147 6.22 -0.85 -11.73
N ASP A 148 5.93 -0.91 -13.03
CA ASP A 148 6.31 -2.05 -13.90
C ASP A 148 7.81 -2.26 -13.73
N PHE A 149 8.61 -1.19 -13.94
CA PHE A 149 10.08 -1.17 -13.80
C PHE A 149 10.52 -1.86 -12.50
N TYR A 150 10.04 -1.38 -11.35
CA TYR A 150 10.40 -1.91 -10.02
C TYR A 150 10.12 -3.41 -10.00
N GLY A 151 8.88 -3.79 -10.33
CA GLY A 151 8.45 -5.19 -10.40
C GLY A 151 9.48 -6.05 -11.14
N GLU A 152 9.88 -5.61 -12.33
CA GLU A 152 10.73 -6.38 -13.27
C GLU A 152 12.09 -6.67 -12.63
N VAL A 153 12.63 -5.71 -11.89
CA VAL A 153 13.98 -5.86 -11.26
C VAL A 153 13.88 -6.64 -9.95
N ARG A 154 13.13 -6.12 -8.98
CA ARG A 154 13.00 -6.75 -7.64
C ARG A 154 12.50 -8.19 -7.76
N THR A 155 11.35 -8.41 -8.42
CA THR A 155 10.79 -9.77 -8.53
C THR A 155 11.18 -10.40 -9.87
N ARG A 156 11.18 -11.73 -9.95
CA ARG A 156 11.50 -12.43 -11.21
C ARG A 156 10.20 -12.68 -11.97
N ASP A 157 9.06 -12.51 -11.31
CA ASP A 157 7.73 -12.70 -11.92
C ASP A 157 7.18 -11.33 -12.38
N LYS A 158 8.02 -10.30 -12.29
CA LYS A 158 7.64 -8.92 -12.70
C LYS A 158 6.32 -8.52 -12.02
N LYS A 159 6.22 -8.72 -10.70
CA LYS A 159 4.99 -8.34 -9.97
C LYS A 159 5.27 -7.07 -9.16
N GLY A 160 6.03 -7.18 -8.07
CA GLY A 160 6.38 -6.00 -7.26
C GLY A 160 5.23 -5.56 -6.36
N VAL A 161 4.51 -4.52 -6.76
CA VAL A 161 3.38 -3.97 -5.96
C VAL A 161 2.06 -4.47 -6.56
N THR A 162 1.48 -5.52 -5.98
CA THR A 162 0.24 -6.16 -6.47
C THR A 162 -0.98 -5.43 -5.90
N ILE A 163 -0.96 -5.14 -4.59
CA ILE A 163 -2.10 -4.57 -3.81
C ILE A 163 -2.50 -3.23 -4.40
N PRO A 164 -3.71 -3.12 -4.99
CA PRO A 164 -4.19 -1.86 -5.55
C PRO A 164 -4.15 -0.66 -4.59
N SER A 165 -4.54 -0.81 -3.33
CA SER A 165 -4.48 0.30 -2.33
C SER A 165 -3.07 0.91 -2.33
N GLN A 166 -2.04 0.08 -2.49
CA GLN A 166 -0.62 0.52 -2.51
C GLN A 166 -0.31 1.19 -3.85
N ARG A 167 -0.76 0.60 -4.95
CA ARG A 167 -0.54 1.15 -6.31
C ARG A 167 -1.28 2.50 -6.39
N ARG A 168 -2.51 2.55 -5.91
CA ARG A 168 -3.35 3.78 -5.95
C ARG A 168 -2.54 4.97 -5.43
N TYR A 169 -1.82 4.77 -4.33
CA TYR A 169 -1.04 5.86 -3.69
C TYR A 169 0.16 6.30 -4.53
N VAL A 170 0.67 5.44 -5.41
CA VAL A 170 1.79 5.89 -6.28
C VAL A 170 1.17 6.80 -7.35
N TYR A 171 0.02 6.41 -7.87
CA TYR A 171 -0.69 7.24 -8.88
C TYR A 171 -1.00 8.59 -8.24
N TYR A 172 -1.51 8.58 -7.01
CA TYR A 172 -1.82 9.83 -6.27
C TYR A 172 -0.59 10.74 -6.30
N TYR A 173 0.53 10.28 -5.75
CA TYR A 173 1.75 11.12 -5.71
C TYR A 173 2.09 11.61 -7.12
N SER A 174 2.02 10.71 -8.11
CA SER A 174 2.31 11.10 -9.51
C SER A 174 1.40 12.26 -9.90
N TYR A 175 0.10 12.11 -9.66
CA TYR A 175 -0.89 13.17 -10.01
C TYR A 175 -0.45 14.50 -9.41
N LEU A 176 -0.11 14.51 -8.12
CA LEU A 176 0.33 15.75 -7.44
C LEU A 176 1.51 16.36 -8.20
N LEU A 177 2.51 15.54 -8.53
CA LEU A 177 3.73 16.03 -9.24
C LEU A 177 3.35 16.69 -10.57
N LYS A 178 2.77 15.92 -11.50
CA LYS A 178 2.42 16.43 -12.86
C LYS A 178 1.60 17.73 -12.79
N ASN A 179 0.61 17.80 -11.88
CA ASN A 179 -0.23 19.03 -11.76
C ASN A 179 0.44 20.04 -10.83
N HIS A 180 1.56 19.68 -10.20
CA HIS A 180 2.29 20.57 -9.28
C HIS A 180 1.31 21.09 -8.21
N LEU A 181 0.58 20.18 -7.58
CA LEU A 181 -0.39 20.57 -6.54
C LEU A 181 0.23 20.30 -5.16
N ASP A 182 -0.25 20.99 -4.13
CA ASP A 182 0.24 20.82 -2.75
C ASP A 182 -0.91 20.22 -1.94
N TYR A 183 -0.67 19.08 -1.28
CA TYR A 183 -1.73 18.41 -0.52
C TYR A 183 -2.14 19.24 0.71
N ARG A 184 -3.45 19.47 0.82
CA ARG A 184 -4.14 20.13 1.96
C ARG A 184 -5.35 19.23 2.15
N PRO A 185 -5.75 18.60 3.44
CA PRO A 185 -6.80 17.66 3.84
C PRO A 185 -8.14 18.27 3.42
N VAL A 186 -8.95 17.52 2.68
CA VAL A 186 -10.31 17.94 2.22
C VAL A 186 -11.35 17.22 3.08
N ALA A 187 -12.22 17.97 3.76
CA ALA A 187 -13.27 17.38 4.62
C ALA A 187 -14.56 17.25 3.82
N LEU A 188 -14.92 16.02 3.46
CA LEU A 188 -16.18 15.76 2.71
C LEU A 188 -17.18 15.07 3.65
N LEU A 189 -18.37 14.77 3.14
CA LEU A 189 -19.40 14.06 3.93
C LEU A 189 -19.78 12.77 3.21
N PHE A 190 -19.39 11.63 3.77
CA PHE A 190 -19.71 10.32 3.14
C PHE A 190 -21.21 10.09 3.25
N HIS A 191 -21.87 9.90 2.12
CA HIS A 191 -23.35 9.71 2.10
C HIS A 191 -23.72 8.23 2.00
N LYS A 192 -23.19 7.51 1.01
CA LYS A 192 -23.53 6.08 0.86
C LYS A 192 -22.62 5.39 -0.15
N MET A 193 -22.67 4.05 -0.15
CA MET A 193 -22.01 3.14 -1.10
C MET A 193 -23.09 2.37 -1.87
N MET A 194 -22.86 2.12 -3.17
CA MET A 194 -23.71 1.27 -4.03
C MET A 194 -22.84 0.17 -4.67
N PHE A 195 -23.33 -1.08 -4.66
CA PHE A 195 -22.78 -2.20 -5.45
C PHE A 195 -23.51 -2.29 -6.78
N GLU A 196 -22.76 -2.41 -7.87
CA GLU A 196 -23.28 -2.85 -9.19
C GLU A 196 -22.90 -4.32 -9.34
N THR A 197 -23.90 -5.18 -9.52
CA THR A 197 -23.81 -6.66 -9.46
C THR A 197 -23.68 -7.10 -8.00
N ILE A 198 -24.03 -8.35 -7.72
CA ILE A 198 -24.15 -8.92 -6.35
C ILE A 198 -22.97 -9.86 -6.10
N PRO A 199 -22.12 -9.60 -5.09
CA PRO A 199 -21.06 -10.54 -4.70
C PRO A 199 -21.61 -11.88 -4.20
N MET A 200 -21.15 -12.97 -4.83
CA MET A 200 -21.64 -14.35 -4.60
C MET A 200 -20.69 -15.03 -3.63
N PHE A 201 -20.94 -14.88 -2.33
CA PHE A 201 -20.16 -15.53 -1.25
C PHE A 201 -20.89 -16.78 -0.77
N SER A 202 -22.21 -16.81 -0.89
CA SER A 202 -23.03 -17.97 -0.49
C SER A 202 -24.29 -18.01 -1.36
N GLY A 203 -24.43 -19.07 -2.17
CA GLY A 203 -25.62 -19.32 -3.02
C GLY A 203 -25.98 -18.12 -3.88
N GLY A 204 -24.97 -17.46 -4.47
CA GLY A 204 -25.15 -16.42 -5.49
C GLY A 204 -25.38 -15.02 -4.93
N THR A 205 -25.59 -14.89 -3.62
CA THR A 205 -25.78 -13.59 -2.91
C THR A 205 -24.79 -13.50 -1.74
N CYS A 206 -24.93 -12.46 -0.90
CA CYS A 206 -24.08 -12.19 0.27
C CYS A 206 -24.84 -11.36 1.31
N ASN A 207 -24.69 -11.69 2.61
CA ASN A 207 -25.05 -10.82 3.74
C ASN A 207 -23.86 -9.92 4.04
N PRO A 208 -23.81 -8.68 3.51
CA PRO A 208 -22.68 -7.78 3.76
C PRO A 208 -22.82 -6.92 5.01
N GLN A 209 -21.73 -6.83 5.77
CA GLN A 209 -21.43 -5.79 6.79
C GLN A 209 -20.12 -5.11 6.38
N PHE A 210 -19.94 -3.84 6.74
CA PHE A 210 -18.72 -3.07 6.44
C PHE A 210 -18.34 -2.18 7.63
N VAL A 211 -17.11 -1.69 7.60
CA VAL A 211 -16.50 -0.86 8.67
C VAL A 211 -15.66 0.23 8.01
N VAL A 212 -15.79 1.46 8.50
CA VAL A 212 -15.13 2.67 7.92
C VAL A 212 -14.12 3.24 8.93
N CYS A 213 -12.91 3.52 8.47
CA CYS A 213 -11.77 3.91 9.35
C CYS A 213 -11.05 5.10 8.74
N GLN A 214 -10.88 6.15 9.54
CA GLN A 214 -10.04 7.32 9.21
C GLN A 214 -8.70 7.10 9.91
N LEU A 215 -7.68 6.70 9.16
CA LEU A 215 -6.41 6.17 9.72
C LEU A 215 -6.76 4.94 10.57
N LYS A 216 -6.43 4.96 11.87
CA LYS A 216 -6.55 3.79 12.78
C LYS A 216 -7.86 3.85 13.59
N VAL A 217 -8.58 4.97 13.55
CA VAL A 217 -9.84 5.14 14.33
C VAL A 217 -11.02 4.66 13.49
N LYS A 218 -11.70 3.58 13.90
CA LYS A 218 -12.95 3.11 13.25
C LYS A 218 -14.05 4.13 13.59
N ILE A 219 -14.62 4.78 12.57
CA ILE A 219 -15.56 5.93 12.72
C ILE A 219 -17.01 5.49 12.49
N TYR A 220 -17.26 4.40 11.76
CA TYR A 220 -18.62 3.83 11.55
C TYR A 220 -18.55 2.32 11.31
N SER A 221 -19.53 1.58 11.84
CA SER A 221 -19.65 0.12 11.68
C SER A 221 -21.11 -0.31 11.48
N SER A 222 -21.52 -0.56 10.24
CA SER A 222 -22.90 -0.95 9.86
C SER A 222 -23.29 -2.27 10.52
N ASN A 223 -24.59 -2.43 10.77
CA ASN A 223 -25.25 -3.73 11.04
C ASN A 223 -25.18 -4.56 9.75
N SER A 224 -25.72 -5.79 9.78
CA SER A 224 -25.79 -6.72 8.62
C SER A 224 -26.78 -6.19 7.56
N GLY A 225 -26.55 -6.60 6.31
CA GLY A 225 -27.45 -6.37 5.16
C GLY A 225 -27.34 -4.97 4.62
N PRO A 226 -27.72 -4.74 3.34
CA PRO A 226 -27.82 -3.40 2.76
C PRO A 226 -29.11 -2.70 3.17
N THR A 227 -29.12 -1.37 3.16
CA THR A 227 -30.31 -0.54 3.48
C THR A 227 -31.32 -0.71 2.34
N ARG A 228 -30.87 -1.05 1.14
CA ARG A 228 -31.76 -1.27 -0.02
C ARG A 228 -31.18 -2.32 -0.95
N ARG A 229 -32.00 -3.31 -1.32
CA ARG A 229 -31.70 -4.33 -2.36
C ARG A 229 -32.56 -4.05 -3.58
N GLU A 230 -31.91 -3.93 -4.73
CA GLU A 230 -32.47 -3.54 -6.04
C GLU A 230 -31.91 -4.52 -7.08
N ASP A 231 -32.18 -5.81 -6.86
CA ASP A 231 -31.88 -6.97 -7.75
C ASP A 231 -30.37 -7.06 -7.99
N LYS A 232 -29.87 -6.39 -9.04
CA LYS A 232 -28.43 -6.36 -9.42
C LYS A 232 -27.67 -5.28 -8.62
N PHE A 233 -28.37 -4.48 -7.82
CA PHE A 233 -27.78 -3.37 -7.03
C PHE A 233 -28.06 -3.58 -5.55
N MET A 234 -27.06 -3.29 -4.72
CA MET A 234 -27.19 -3.11 -3.26
C MET A 234 -26.68 -1.71 -2.91
N TYR A 235 -27.31 -1.08 -1.93
CA TYR A 235 -27.03 0.30 -1.48
C TYR A 235 -26.77 0.22 0.02
N PHE A 236 -25.83 1.04 0.49
CA PHE A 236 -25.41 1.20 1.90
C PHE A 236 -25.47 2.67 2.23
N GLU A 237 -26.59 3.10 2.82
CA GLU A 237 -26.88 4.51 3.12
C GLU A 237 -26.63 4.72 4.62
N PHE A 238 -25.75 5.67 4.96
CA PHE A 238 -25.50 6.08 6.36
C PHE A 238 -26.74 6.77 6.89
N PRO A 239 -27.12 6.55 8.17
CA PRO A 239 -28.28 7.24 8.76
C PRO A 239 -28.11 8.77 8.73
N GLN A 240 -26.98 9.27 9.25
CA GLN A 240 -26.50 10.67 9.07
C GLN A 240 -25.26 10.62 8.20
N PRO A 241 -25.06 11.58 7.28
CA PRO A 241 -23.84 11.62 6.47
C PRO A 241 -22.58 11.64 7.35
N LEU A 242 -21.63 10.76 7.07
CA LEU A 242 -20.39 10.53 7.87
C LEU A 242 -19.32 11.56 7.51
N PRO A 243 -18.86 12.42 8.45
CA PRO A 243 -17.78 13.36 8.15
C PRO A 243 -16.47 12.57 8.03
N VAL A 244 -15.72 12.80 6.96
CA VAL A 244 -14.50 12.02 6.65
C VAL A 244 -13.47 12.94 6.00
N CYS A 245 -12.20 12.83 6.41
CA CYS A 245 -11.09 13.69 5.92
C CYS A 245 -9.80 12.86 5.80
N GLY A 246 -8.97 13.20 4.81
CA GLY A 246 -7.65 12.57 4.60
C GLY A 246 -7.74 11.16 4.05
N ASP A 247 -6.87 10.28 4.55
CA ASP A 247 -6.79 8.86 4.13
C ASP A 247 -7.85 8.08 4.88
N ILE A 248 -8.72 7.36 4.16
CA ILE A 248 -9.83 6.62 4.82
C ILE A 248 -9.91 5.20 4.25
N LYS A 249 -10.23 4.23 5.09
CA LYS A 249 -10.32 2.79 4.71
C LYS A 249 -11.79 2.34 4.75
N VAL A 250 -12.13 1.41 3.87
CA VAL A 250 -13.43 0.68 3.90
C VAL A 250 -13.16 -0.80 3.68
N GLU A 251 -13.64 -1.64 4.60
CA GLU A 251 -13.46 -3.11 4.60
C GLU A 251 -14.82 -3.77 4.69
N PHE A 252 -15.18 -4.57 3.69
CA PHE A 252 -16.45 -5.33 3.61
C PHE A 252 -16.26 -6.78 4.06
N PHE A 253 -17.22 -7.30 4.83
CA PHE A 253 -17.26 -8.71 5.29
C PHE A 253 -18.57 -9.37 4.87
N HIS A 254 -18.60 -10.70 4.92
CA HIS A 254 -19.77 -11.55 4.65
C HIS A 254 -20.14 -12.34 5.91
N LYS A 255 -21.24 -11.96 6.58
CA LYS A 255 -21.76 -12.60 7.80
C LYS A 255 -22.41 -13.93 7.43
N GLN A 256 -21.70 -15.03 7.62
CA GLN A 256 -22.21 -16.42 7.44
C GLN A 256 -23.05 -16.79 8.67
N ASN A 257 -24.33 -17.08 8.47
CA ASN A 257 -25.32 -17.31 9.56
C ASN A 257 -24.86 -18.47 10.44
N LYS A 258 -25.06 -18.33 11.76
CA LYS A 258 -24.79 -19.37 12.80
C LYS A 258 -23.28 -19.65 12.89
N MET A 259 -22.42 -18.63 12.77
CA MET A 259 -20.93 -18.79 12.78
C MET A 259 -20.25 -17.46 13.16
N LEU A 260 -19.39 -17.48 14.17
CA LEU A 260 -18.87 -16.28 14.89
C LEU A 260 -17.91 -15.48 14.01
N LYS A 261 -17.01 -16.16 13.29
CA LYS A 261 -16.05 -15.54 12.32
C LYS A 261 -16.80 -15.09 11.06
N LYS A 262 -16.42 -13.94 10.50
CA LYS A 262 -16.99 -13.41 9.23
C LYS A 262 -15.91 -13.51 8.14
N ASP A 263 -16.32 -13.72 6.90
CA ASP A 263 -15.42 -13.83 5.73
C ASP A 263 -15.08 -12.40 5.29
N LYS A 264 -13.85 -12.19 4.81
CA LYS A 264 -13.38 -10.90 4.28
C LYS A 264 -13.67 -10.85 2.77
N MET A 265 -14.58 -9.97 2.38
CA MET A 265 -14.94 -9.77 0.94
C MET A 265 -13.82 -8.99 0.24
N PHE A 266 -13.64 -7.73 0.63
CA PHE A 266 -12.61 -6.83 0.06
C PHE A 266 -12.49 -5.59 0.94
N HIS A 267 -11.38 -4.89 0.80
CA HIS A 267 -11.16 -3.56 1.43
C HIS A 267 -10.55 -2.64 0.36
N PHE A 268 -10.53 -1.35 0.64
CA PHE A 268 -10.00 -0.30 -0.27
C PHE A 268 -9.57 0.90 0.58
N TRP A 269 -8.51 1.56 0.15
CA TRP A 269 -7.87 2.70 0.84
C TRP A 269 -7.97 3.90 -0.09
N VAL A 270 -8.64 4.98 0.32
CA VAL A 270 -8.79 6.16 -0.57
C VAL A 270 -8.49 7.43 0.23
N ASN A 271 -8.20 8.52 -0.48
CA ASN A 271 -7.91 9.83 0.14
C ASN A 271 -8.94 10.83 -0.41
N THR A 272 -9.42 11.73 0.43
CA THR A 272 -10.50 12.68 0.04
C THR A 272 -10.01 13.81 -0.88
N PHE A 273 -8.69 13.99 -1.00
CA PHE A 273 -8.17 15.12 -1.83
C PHE A 273 -8.25 14.80 -3.33
N PHE A 274 -8.46 13.54 -3.71
CA PHE A 274 -8.45 13.21 -5.16
C PHE A 274 -9.84 12.80 -5.64
N ILE A 275 -10.88 13.11 -4.87
CA ILE A 275 -12.26 12.73 -5.31
C ILE A 275 -12.81 13.84 -6.19
N PRO A 276 -12.73 15.12 -5.77
CA PRO A 276 -13.24 16.24 -6.57
C PRO A 276 -12.53 16.32 -7.93
N GLU A 285 -25.48 16.07 -8.03
CA GLU A 285 -25.32 16.99 -6.87
C GLU A 285 -24.15 16.54 -6.01
N TYR A 286 -23.96 15.22 -5.87
CA TYR A 286 -22.86 14.66 -5.04
C TYR A 286 -21.59 14.54 -5.89
N LEU A 287 -20.49 14.21 -5.22
CA LEU A 287 -19.21 13.90 -5.89
C LEU A 287 -19.21 12.37 -5.96
N VAL A 288 -18.93 11.78 -7.12
CA VAL A 288 -19.02 10.30 -7.17
C VAL A 288 -17.69 9.69 -7.59
N LEU A 289 -17.21 8.76 -6.76
CA LEU A 289 -15.99 7.98 -7.05
C LEU A 289 -16.45 6.55 -7.33
N THR A 290 -16.02 5.97 -8.45
CA THR A 290 -16.36 4.57 -8.82
C THR A 290 -15.09 3.72 -8.80
N LEU A 291 -15.16 2.54 -8.19
CA LEU A 291 -14.03 1.58 -8.07
C LEU A 291 -14.44 0.26 -8.70
N THR A 292 -13.69 -0.20 -9.69
CA THR A 292 -13.89 -1.50 -10.39
C THR A 292 -13.28 -2.63 -9.54
N LYS A 293 -13.62 -3.88 -9.84
CA LYS A 293 -13.04 -5.06 -9.17
C LYS A 293 -11.52 -4.92 -9.05
N ASN A 294 -10.87 -4.35 -10.08
CA ASN A 294 -9.39 -4.29 -10.23
C ASN A 294 -8.83 -3.27 -9.24
N ASP A 295 -9.64 -2.29 -8.84
CA ASP A 295 -9.25 -1.23 -7.89
C ASP A 295 -9.35 -1.77 -6.44
N LEU A 296 -10.08 -2.86 -6.23
CA LEU A 296 -10.41 -3.42 -4.89
C LEU A 296 -9.38 -4.48 -4.48
N ASP A 297 -9.12 -4.59 -3.17
CA ASP A 297 -7.82 -5.07 -2.66
C ASP A 297 -7.75 -6.60 -2.69
N LYS A 298 -8.81 -7.28 -2.25
CA LYS A 298 -8.84 -8.76 -2.31
C LYS A 298 -9.54 -9.20 -3.60
N ALA A 299 -10.49 -8.38 -4.07
CA ALA A 299 -11.41 -8.68 -5.19
C ALA A 299 -10.63 -8.70 -6.52
N ASN A 300 -9.61 -7.84 -6.66
CA ASN A 300 -8.85 -7.71 -7.92
C ASN A 300 -8.26 -9.09 -8.32
N LYS A 301 -8.05 -9.99 -7.36
CA LYS A 301 -7.32 -11.27 -7.60
C LYS A 301 -8.31 -12.38 -7.97
N ASP A 302 -9.61 -12.10 -8.08
CA ASP A 302 -10.65 -13.12 -8.38
C ASP A 302 -10.82 -13.24 -9.91
N LYS A 303 -9.82 -13.81 -10.57
CA LYS A 303 -9.70 -13.86 -12.05
C LYS A 303 -10.80 -14.78 -12.59
N ALA A 304 -11.13 -15.84 -11.84
CA ALA A 304 -12.16 -16.85 -12.19
C ALA A 304 -13.56 -16.24 -12.16
N ASN A 305 -13.72 -15.04 -11.56
CA ASN A 305 -15.02 -14.36 -11.35
C ASN A 305 -15.93 -15.27 -10.51
N ARG A 306 -15.37 -15.88 -9.49
CA ARG A 306 -16.03 -16.90 -8.64
C ARG A 306 -16.81 -16.16 -7.55
N TYR A 307 -16.31 -15.00 -7.13
CA TYR A 307 -16.87 -14.22 -5.99
C TYR A 307 -17.47 -12.90 -6.51
N PHE A 308 -16.87 -12.31 -7.55
CA PHE A 308 -17.30 -11.02 -8.14
C PHE A 308 -17.39 -11.17 -9.65
N SER A 309 -18.49 -10.71 -10.25
CA SER A 309 -18.60 -10.59 -11.72
C SER A 309 -17.55 -9.59 -12.20
N PRO A 310 -17.12 -9.71 -13.46
CA PRO A 310 -16.13 -8.79 -14.03
C PRO A 310 -16.60 -7.32 -14.17
N ASN A 311 -17.90 -7.03 -14.12
CA ASN A 311 -18.41 -5.63 -14.19
C ASN A 311 -18.83 -5.17 -12.79
N PHE A 312 -18.25 -5.74 -11.75
CA PHE A 312 -18.52 -5.39 -10.33
C PHE A 312 -17.86 -4.05 -10.04
N LYS A 313 -18.64 -3.08 -9.56
CA LYS A 313 -18.17 -1.73 -9.18
C LYS A 313 -18.73 -1.38 -7.80
N VAL A 314 -18.03 -0.48 -7.12
CA VAL A 314 -18.44 0.16 -5.84
C VAL A 314 -18.46 1.65 -6.13
N LYS A 315 -19.63 2.27 -6.15
CA LYS A 315 -19.73 3.75 -6.21
C LYS A 315 -19.79 4.29 -4.78
N LEU A 316 -18.95 5.27 -4.46
CA LEU A 316 -19.02 6.05 -3.20
C LEU A 316 -19.58 7.44 -3.54
N TYR A 317 -20.38 8.03 -2.64
CA TYR A 317 -20.97 9.35 -2.92
C TYR A 317 -20.69 10.31 -1.76
N PHE A 318 -20.09 11.46 -2.06
CA PHE A 318 -19.79 12.44 -0.99
C PHE A 318 -20.25 13.83 -1.43
N THR A 319 -20.15 14.80 -0.51
CA THR A 319 -20.50 16.22 -0.76
C THR A 319 -19.47 17.10 -0.05
N LYS A 320 -19.31 18.34 -0.47
CA LYS A 320 -18.32 19.23 0.21
C LYS A 320 -18.95 19.81 1.47
N THR A 321 -18.13 20.30 2.40
CA THR A 321 -18.62 20.89 3.66
C THR A 321 -18.58 22.42 3.55
N VAL A 322 -17.45 22.96 3.09
CA VAL A 322 -17.29 24.43 2.90
C VAL A 322 -17.80 24.81 1.52
P PO4 B . -3.51 -9.14 -15.46
O1 PO4 B . -3.63 -10.62 -15.80
O2 PO4 B . -2.04 -8.74 -15.44
O3 PO4 B . -4.11 -8.89 -14.08
O4 PO4 B . -4.25 -8.32 -16.49
#